data_2RII
#
_entry.id   2RII
#
_cell.length_a   54.921
_cell.length_b   85.045
_cell.length_c   130.832
_cell.angle_alpha   90.00
_cell.angle_beta   90.00
_cell.angle_gamma   90.00
#
_symmetry.space_group_name_H-M   'P 21 21 21'
#
loop_
_entity.id
_entity.type
_entity.pdbx_description
1 polymer Peroxiredoxin-1
2 polymer Sulfiredoxin-1
3 non-polymer 'PHOSPHATE ION'
4 water water
#
loop_
_entity_poly.entity_id
_entity_poly.type
_entity_poly.pdbx_seq_one_letter_code
_entity_poly.pdbx_strand_id
1 'polypeptide(L)'
;MSSGNAKIGHPAPNFKATAVMPDGQFKDISLSDYKGKYVVFFFYPLDFTFVCPTEIIAFSDRAEEFKKLNSQVIGASVDS
HFEHLAWVNTPKKQGGLGPMNIPLVSDPKRTIAQDYGVLKADEGISFRGLFIIDDKGILRQITVNDLPVGRSVDETLRLV
QAFQFTDKHGEVSPAGWKPGSDTIKPDVQKSKEYFSKQK
;
A,B
2 'polypeptide(L)'
;GHPMSIHSGRIAAVHNVPLSVLIRPLPSVLDPAKVQSLVDTIREDPDSVPPIDVLWIKGAQGGDYFYSFGGCHRYAAYQQ
LQRETIPAKLVQSTLSDLRVYLGASTPDLQ
;
X,Y
#
# COMPACT_ATOMS: atom_id res chain seq x y z
N SER A 3 -14.35 -2.13 -3.24
CA SER A 3 -13.75 -2.99 -4.32
C SER A 3 -14.55 -4.28 -4.51
N GLY A 4 -15.19 -4.41 -5.68
CA GLY A 4 -16.18 -5.48 -5.93
C GLY A 4 -17.25 -5.50 -4.85
N ASN A 5 -17.56 -6.69 -4.35
CA ASN A 5 -18.31 -6.83 -3.10
C ASN A 5 -17.49 -6.41 -1.87
N ALA A 6 -16.22 -6.81 -1.80
CA ALA A 6 -15.36 -6.48 -0.65
C ALA A 6 -15.53 -5.05 -0.21
N LYS A 7 -16.02 -4.88 1.02
CA LYS A 7 -16.35 -3.58 1.59
C LYS A 7 -15.60 -3.52 2.91
N ILE A 8 -14.86 -2.46 3.16
CA ILE A 8 -14.15 -2.36 4.43
C ILE A 8 -15.15 -2.19 5.56
N GLY A 9 -14.85 -2.80 6.71
CA GLY A 9 -15.75 -2.76 7.86
C GLY A 9 -16.87 -3.81 7.83
N HIS A 10 -17.09 -4.41 6.66
CA HIS A 10 -18.10 -5.45 6.44
C HIS A 10 -17.40 -6.78 6.22
N PRO A 11 -18.11 -7.90 6.43
CA PRO A 11 -17.47 -9.20 6.25
C PRO A 11 -16.89 -9.43 4.85
N ALA A 12 -15.82 -10.20 4.80
CA ALA A 12 -15.09 -10.45 3.59
C ALA A 12 -15.80 -11.42 2.67
N PRO A 13 -15.95 -11.06 1.37
CA PRO A 13 -16.58 -11.91 0.35
C PRO A 13 -16.00 -13.29 0.34
N ASN A 14 -16.68 -14.19 1.04
CA ASN A 14 -16.26 -15.57 1.18
C ASN A 14 -16.01 -16.25 -0.16
N PHE A 15 -15.26 -17.35 -0.12
CA PHE A 15 -14.91 -18.09 -1.32
C PHE A 15 -14.48 -19.49 -0.96
N LYS A 16 -14.55 -20.37 -1.95
CA LYS A 16 -14.19 -21.78 -1.77
C LYS A 16 -13.55 -22.27 -3.07
N ALA A 17 -12.25 -22.56 -3.03
CA ALA A 17 -11.56 -23.05 -4.23
C ALA A 17 -10.47 -24.04 -3.88
N THR A 18 -10.00 -24.75 -4.89
CA THR A 18 -8.89 -25.69 -4.71
C THR A 18 -7.54 -24.98 -4.65
N ALA A 19 -6.82 -25.23 -3.56
CA ALA A 19 -5.58 -24.54 -3.27
C ALA A 19 -4.44 -25.51 -3.17
N VAL A 20 -3.30 -25.11 -3.73
CA VAL A 20 -2.11 -25.89 -3.59
C VAL A 20 -1.51 -25.50 -2.24
N MET A 21 -1.43 -26.46 -1.32
CA MET A 21 -0.91 -26.19 0.02
C MET A 21 0.63 -26.28 0.02
N PRO A 22 1.27 -25.81 1.12
CA PRO A 22 2.72 -25.91 1.32
C PRO A 22 3.31 -27.31 1.15
N ASP A 23 2.48 -28.34 1.35
CA ASP A 23 2.94 -29.75 1.41
C ASP A 23 3.06 -30.43 0.06
N GLY A 24 2.25 -29.99 -0.90
CA GLY A 24 2.29 -30.52 -2.25
C GLY A 24 0.93 -30.95 -2.76
N GLN A 25 -0.04 -31.02 -1.83
CA GLN A 25 -1.33 -31.62 -2.12
C GLN A 25 -2.46 -30.61 -2.31
N PHE A 26 -3.45 -30.98 -3.10
CA PHE A 26 -4.65 -30.18 -3.31
C PHE A 26 -5.55 -30.26 -2.09
N LYS A 27 -6.38 -29.25 -1.91
CA LYS A 27 -7.34 -29.21 -0.82
C LYS A 27 -8.29 -28.09 -1.08
N ASP A 28 -9.55 -28.45 -1.32
CA ASP A 28 -10.59 -27.45 -1.48
C ASP A 28 -10.75 -26.75 -0.14
N ILE A 29 -10.58 -25.42 -0.16
CA ILE A 29 -10.71 -24.59 1.06
C ILE A 29 -11.52 -23.30 0.90
N SER A 30 -11.78 -22.67 2.05
CA SER A 30 -12.58 -21.48 2.10
C SER A 30 -12.00 -20.47 3.09
N LEU A 31 -12.29 -19.20 2.86
CA LEU A 31 -11.79 -18.11 3.72
C LEU A 31 -12.29 -18.19 5.17
N SER A 32 -13.45 -18.82 5.38
CA SER A 32 -13.95 -19.13 6.72
C SER A 32 -12.96 -19.96 7.56
N ASP A 33 -12.30 -20.93 6.93
CA ASP A 33 -11.48 -21.90 7.63
C ASP A 33 -10.41 -21.24 8.47
N TYR A 34 -10.13 -19.97 8.20
CA TYR A 34 -9.05 -19.23 8.88
C TYR A 34 -9.61 -18.22 9.85
N LYS A 35 -10.94 -18.16 9.92
CA LYS A 35 -11.67 -17.41 10.93
C LYS A 35 -11.04 -17.68 12.31
N GLY A 36 -10.56 -16.61 12.97
CA GLY A 36 -9.76 -16.73 14.20
C GLY A 36 -8.30 -16.32 13.98
N LYS A 37 -7.92 -16.14 12.73
CA LYS A 37 -6.61 -15.62 12.36
C LYS A 37 -6.80 -14.45 11.41
N TYR A 38 -5.93 -13.46 11.50
CA TYR A 38 -5.84 -12.46 10.47
C TYR A 38 -5.33 -13.13 9.22
N VAL A 39 -6.02 -12.88 8.13
CA VAL A 39 -5.62 -13.36 6.81
C VAL A 39 -5.21 -12.22 5.90
N VAL A 40 -4.02 -12.35 5.31
CA VAL A 40 -3.59 -11.50 4.18
C VAL A 40 -3.83 -12.27 2.93
N PHE A 41 -4.73 -11.76 2.10
CA PHE A 41 -5.10 -12.47 0.91
C PHE A 41 -4.72 -11.67 -0.35
N PHE A 42 -3.91 -12.28 -1.20
CA PHE A 42 -3.39 -11.51 -2.32
C PHE A 42 -3.44 -12.20 -3.65
N PHE A 43 -3.80 -11.40 -4.64
CA PHE A 43 -3.87 -11.82 -6.02
C PHE A 43 -2.57 -11.54 -6.76
N TYR A 44 -2.31 -12.29 -7.83
CA TYR A 44 -1.21 -12.01 -8.77
C TYR A 44 -1.62 -12.53 -10.15
N PRO A 45 -1.16 -11.87 -11.23
CA PRO A 45 -1.71 -12.11 -12.57
C PRO A 45 -1.63 -13.53 -13.20
N LEU A 46 -0.47 -14.17 -13.16
CA LEU A 46 -0.25 -15.40 -13.92
C LEU A 46 0.83 -16.28 -13.31
N ASP A 47 0.81 -17.56 -13.69
CA ASP A 47 1.70 -18.53 -13.10
C ASP A 47 3.05 -18.68 -13.81
N PHE A 48 3.09 -18.65 -15.12
CA PHE A 48 4.40 -18.77 -15.71
C PHE A 48 4.87 -17.46 -16.31
N THR A 49 4.95 -16.50 -15.42
CA THR A 49 5.32 -15.15 -15.73
C THR A 49 6.74 -15.16 -16.26
N PHE A 50 7.02 -14.15 -17.08
CA PHE A 50 8.37 -13.88 -17.45
C PHE A 50 9.00 -12.91 -16.45
N VAL A 51 8.19 -12.43 -15.50
CA VAL A 51 8.73 -11.72 -14.33
C VAL A 51 9.30 -12.72 -13.36
N CYS A 52 10.46 -12.37 -12.82
CA CYS A 52 11.04 -13.11 -11.71
C CYS A 52 10.05 -12.89 -10.54
N PRO A 53 9.53 -14.00 -9.99
CA PRO A 53 8.37 -13.99 -9.10
C PRO A 53 8.71 -13.47 -7.73
N THR A 54 9.85 -12.80 -7.63
CA THR A 54 10.36 -12.26 -6.38
C THR A 54 9.29 -11.77 -5.36
N GLU A 55 8.19 -11.19 -5.85
CA GLU A 55 7.03 -10.83 -5.00
C GLU A 55 6.47 -12.00 -4.16
N ILE A 56 6.04 -13.09 -4.81
CA ILE A 56 5.46 -14.24 -4.08
C ILE A 56 6.50 -14.97 -3.20
N ILE A 57 7.69 -15.17 -3.78
CA ILE A 57 8.81 -15.74 -3.07
C ILE A 57 9.02 -14.95 -1.80
N ALA A 58 8.74 -13.65 -1.83
CA ALA A 58 8.99 -12.80 -0.67
C ALA A 58 7.98 -13.07 0.45
N PHE A 59 6.73 -13.34 0.08
CA PHE A 59 5.70 -13.61 1.07
C PHE A 59 5.90 -15.03 1.60
N SER A 60 6.33 -15.93 0.71
CA SER A 60 6.60 -17.31 1.11
C SER A 60 7.84 -17.36 2.00
N ASP A 61 8.85 -16.60 1.63
CA ASP A 61 10.08 -16.68 2.36
C ASP A 61 9.81 -16.27 3.78
N ARG A 62 9.05 -15.19 3.95
CA ARG A 62 8.87 -14.61 5.26
C ARG A 62 7.58 -15.04 6.00
N ALA A 63 7.08 -16.24 5.69
CA ALA A 63 5.85 -16.72 6.35
C ALA A 63 5.90 -16.74 7.89
N GLU A 64 7.09 -16.96 8.46
CA GLU A 64 7.30 -17.01 9.92
C GLU A 64 6.96 -15.69 10.59
N GLU A 65 7.26 -14.61 9.89
CA GLU A 65 6.94 -13.27 10.37
C GLU A 65 5.43 -13.12 10.52
N PHE A 66 4.69 -13.71 9.59
CA PHE A 66 3.24 -13.69 9.62
C PHE A 66 2.69 -14.67 10.63
N LYS A 67 3.29 -15.86 10.67
CA LYS A 67 3.03 -16.87 11.71
C LYS A 67 3.08 -16.27 13.11
N LYS A 68 4.12 -15.49 13.39
CA LYS A 68 4.33 -14.90 14.70
C LYS A 68 3.23 -13.87 15.05
N LEU A 69 2.35 -13.58 14.08
CA LEU A 69 1.28 -12.62 14.29
C LEU A 69 -0.10 -13.26 14.09
N ASN A 70 -0.14 -14.58 14.23
CA ASN A 70 -1.39 -15.32 14.21
C ASN A 70 -2.09 -14.95 12.93
N SER A 71 -1.36 -15.11 11.83
CA SER A 71 -1.78 -14.68 10.49
C SER A 71 -1.46 -15.74 9.45
N GLN A 72 -2.26 -15.74 8.38
CA GLN A 72 -2.11 -16.72 7.32
C GLN A 72 -2.13 -16.03 5.97
N VAL A 73 -1.02 -16.08 5.27
CA VAL A 73 -0.90 -15.48 3.95
C VAL A 73 -1.40 -16.50 2.95
N ILE A 74 -2.40 -16.10 2.15
CA ILE A 74 -2.84 -16.92 1.01
C ILE A 74 -2.72 -16.13 -0.27
N GLY A 75 -2.14 -16.74 -1.29
CA GLY A 75 -2.02 -16.11 -2.60
C GLY A 75 -3.01 -16.74 -3.55
N ALA A 76 -3.22 -16.10 -4.71
CA ALA A 76 -4.25 -16.55 -5.66
C ALA A 76 -4.02 -16.02 -7.07
N SER A 77 -4.36 -16.82 -8.08
CA SER A 77 -4.42 -16.32 -9.45
C SER A 77 -5.56 -17.02 -10.17
N VAL A 78 -5.79 -16.60 -11.42
CA VAL A 78 -6.78 -17.25 -12.28
C VAL A 78 -6.30 -18.58 -12.88
N ASP A 79 -5.02 -18.89 -12.76
CA ASP A 79 -4.52 -20.10 -13.43
C ASP A 79 -4.97 -21.35 -12.64
N SER A 80 -4.93 -22.52 -13.26
CA SER A 80 -5.50 -23.72 -12.65
C SER A 80 -4.67 -24.21 -11.47
N HIS A 81 -5.25 -25.10 -10.66
CA HIS A 81 -4.50 -25.66 -9.56
C HIS A 81 -3.38 -26.60 -10.02
N PHE A 82 -3.48 -27.09 -11.25
CA PHE A 82 -2.46 -27.98 -11.81
C PHE A 82 -1.28 -27.12 -12.20
N GLU A 83 -1.58 -25.93 -12.71
CA GLU A 83 -0.55 -24.94 -13.04
C GLU A 83 0.28 -24.62 -11.79
N HIS A 84 -0.40 -24.37 -10.68
CA HIS A 84 0.23 -24.05 -9.40
C HIS A 84 1.25 -25.15 -9.01
N LEU A 85 0.77 -26.35 -8.69
CA LEU A 85 1.62 -27.56 -8.62
C LEU A 85 2.92 -27.47 -9.43
N ALA A 86 2.77 -27.29 -10.74
CA ALA A 86 3.85 -27.37 -11.71
C ALA A 86 4.82 -26.24 -11.51
N TRP A 87 4.28 -25.11 -11.09
CA TRP A 87 5.07 -23.92 -10.83
C TRP A 87 5.91 -24.10 -9.56
N VAL A 88 5.29 -24.65 -8.51
CA VAL A 88 6.03 -25.01 -7.30
C VAL A 88 7.08 -26.10 -7.56
N ASN A 89 6.80 -27.00 -8.52
CA ASN A 89 7.76 -28.07 -8.86
C ASN A 89 8.81 -27.72 -9.92
N THR A 90 8.88 -26.44 -10.26
CA THR A 90 9.95 -25.93 -11.10
C THR A 90 10.85 -25.07 -10.20
N PRO A 91 12.09 -25.53 -9.93
CA PRO A 91 13.11 -24.79 -9.14
C PRO A 91 13.33 -23.35 -9.57
N LYS A 92 13.37 -22.46 -8.57
CA LYS A 92 13.51 -21.02 -8.76
C LYS A 92 14.41 -20.72 -9.96
N LYS A 93 15.69 -21.12 -9.87
CA LYS A 93 16.70 -20.93 -10.93
C LYS A 93 16.26 -21.31 -12.37
N GLN A 94 15.45 -22.36 -12.49
CA GLN A 94 14.84 -22.72 -13.79
C GLN A 94 13.62 -21.87 -14.10
N GLY A 95 13.44 -20.77 -13.36
CA GLY A 95 12.31 -19.88 -13.59
C GLY A 95 11.02 -20.44 -13.03
N GLY A 96 10.96 -20.57 -11.71
CA GLY A 96 9.80 -21.14 -11.02
C GLY A 96 9.64 -20.67 -9.59
N LEU A 97 8.77 -21.33 -8.84
CA LEU A 97 8.55 -21.01 -7.43
C LEU A 97 9.42 -21.81 -6.46
N GLY A 98 9.61 -23.09 -6.75
CA GLY A 98 10.22 -24.00 -5.78
C GLY A 98 9.23 -24.25 -4.65
N PRO A 99 9.66 -24.94 -3.59
CA PRO A 99 8.74 -25.16 -2.46
C PRO A 99 8.22 -23.88 -1.82
N MET A 100 6.90 -23.83 -1.60
CA MET A 100 6.20 -22.64 -1.11
C MET A 100 5.63 -22.85 0.28
N ASN A 101 5.76 -21.85 1.15
CA ASN A 101 5.24 -21.92 2.53
C ASN A 101 3.82 -21.42 2.68
N ILE A 102 3.21 -20.98 1.59
CA ILE A 102 1.86 -20.41 1.69
C ILE A 102 0.93 -21.01 0.67
N PRO A 103 -0.28 -21.34 1.09
CA PRO A 103 -1.24 -21.85 0.14
C PRO A 103 -1.41 -20.97 -1.10
N LEU A 104 -1.76 -21.57 -2.22
CA LEU A 104 -2.13 -20.79 -3.38
C LEU A 104 -3.55 -21.14 -3.90
N VAL A 105 -4.47 -20.19 -3.83
CA VAL A 105 -5.82 -20.38 -4.36
C VAL A 105 -5.82 -20.34 -5.90
N SER A 106 -6.68 -21.15 -6.52
CA SER A 106 -6.90 -21.08 -7.98
C SER A 106 -8.33 -20.62 -8.25
N ASP A 107 -8.49 -19.75 -9.24
CA ASP A 107 -9.78 -19.08 -9.49
C ASP A 107 -10.03 -19.01 -10.98
N PRO A 108 -10.13 -20.19 -11.63
CA PRO A 108 -10.32 -20.31 -13.06
C PRO A 108 -11.64 -19.73 -13.58
N LYS A 109 -12.67 -19.63 -12.74
CA LYS A 109 -13.94 -18.98 -13.16
C LYS A 109 -13.85 -17.44 -13.16
N ARG A 110 -12.74 -16.91 -12.63
CA ARG A 110 -12.47 -15.47 -12.58
C ARG A 110 -13.46 -14.78 -11.67
N THR A 111 -14.13 -15.56 -10.81
CA THR A 111 -15.23 -15.03 -9.97
C THR A 111 -14.77 -14.49 -8.62
N ILE A 112 -13.76 -15.12 -8.05
CA ILE A 112 -13.17 -14.61 -6.84
C ILE A 112 -12.43 -13.29 -7.14
N ALA A 113 -11.74 -13.24 -8.28
CA ALA A 113 -11.21 -11.97 -8.77
C ALA A 113 -12.33 -10.93 -8.88
N GLN A 114 -13.43 -11.31 -9.52
CA GLN A 114 -14.57 -10.40 -9.72
C GLN A 114 -15.23 -9.95 -8.41
N ASP A 115 -15.24 -10.86 -7.44
CA ASP A 115 -15.93 -10.68 -6.17
C ASP A 115 -15.09 -9.75 -5.32
N TYR A 116 -13.85 -9.55 -5.74
CA TYR A 116 -12.94 -8.62 -5.07
C TYR A 116 -12.68 -7.33 -5.88
N GLY A 117 -13.20 -7.28 -7.10
CA GLY A 117 -13.16 -6.08 -7.96
C GLY A 117 -11.81 -5.86 -8.63
N VAL A 118 -11.03 -6.92 -8.67
CA VAL A 118 -9.64 -6.90 -9.13
C VAL A 118 -9.39 -7.70 -10.39
N LEU A 119 -10.45 -8.01 -11.14
CA LEU A 119 -10.29 -8.67 -12.44
C LEU A 119 -10.23 -7.60 -13.51
N LYS A 120 -9.28 -7.67 -14.42
CA LYS A 120 -9.31 -6.73 -15.52
C LYS A 120 -9.85 -7.47 -16.72
N ALA A 121 -11.00 -6.98 -17.19
CA ALA A 121 -11.84 -7.61 -18.20
C ALA A 121 -11.04 -7.99 -19.45
N ASP A 122 -10.33 -6.99 -19.99
CA ASP A 122 -9.51 -7.10 -21.20
C ASP A 122 -8.70 -8.41 -21.27
N GLU A 123 -8.15 -8.83 -20.14
CA GLU A 123 -7.14 -9.91 -20.11
C GLU A 123 -7.65 -11.18 -19.49
N GLY A 124 -8.65 -11.06 -18.62
CA GLY A 124 -9.18 -12.19 -17.87
C GLY A 124 -8.21 -12.61 -16.77
N ILE A 125 -7.56 -11.61 -16.16
CA ILE A 125 -6.62 -11.88 -15.07
C ILE A 125 -6.66 -10.82 -13.97
N SER A 126 -6.09 -11.15 -12.84
CA SER A 126 -6.12 -10.30 -11.68
C SER A 126 -5.00 -9.24 -11.68
N PHE A 127 -5.33 -8.04 -11.21
CA PHE A 127 -4.38 -7.00 -10.84
C PHE A 127 -3.71 -7.43 -9.54
N ARG A 128 -2.54 -6.86 -9.22
CA ARG A 128 -1.81 -7.23 -8.00
C ARG A 128 -2.54 -6.63 -6.79
N GLY A 129 -3.63 -7.29 -6.40
CA GLY A 129 -4.47 -6.82 -5.28
C GLY A 129 -4.28 -7.64 -4.02
N LEU A 130 -4.43 -6.99 -2.86
CA LEU A 130 -4.08 -7.60 -1.60
C LEU A 130 -5.04 -7.16 -0.53
N PHE A 131 -5.53 -8.10 0.27
CA PHE A 131 -6.59 -7.76 1.21
C PHE A 131 -6.25 -8.27 2.57
N ILE A 132 -6.37 -7.39 3.55
CA ILE A 132 -6.14 -7.76 4.93
C ILE A 132 -7.46 -7.87 5.69
N ILE A 133 -7.75 -9.10 6.14
CA ILE A 133 -8.99 -9.47 6.84
C ILE A 133 -8.67 -9.85 8.28
N ASP A 134 -9.57 -9.59 9.20
CA ASP A 134 -9.29 -9.88 10.61
C ASP A 134 -9.81 -11.25 11.09
N ASP A 135 -9.52 -11.53 12.37
CA ASP A 135 -9.86 -12.79 13.03
C ASP A 135 -11.35 -13.00 13.15
N LYS A 136 -12.09 -11.90 13.08
CA LYS A 136 -13.55 -11.93 13.06
C LYS A 136 -14.08 -11.82 11.65
N GLY A 137 -13.22 -12.07 10.66
CA GLY A 137 -13.63 -12.16 9.24
C GLY A 137 -13.97 -10.87 8.51
N ILE A 138 -13.67 -9.73 9.13
CA ILE A 138 -14.03 -8.41 8.60
C ILE A 138 -12.89 -7.85 7.75
N LEU A 139 -13.25 -7.25 6.61
CA LEU A 139 -12.26 -6.65 5.74
C LEU A 139 -11.74 -5.38 6.40
N ARG A 140 -10.43 -5.24 6.46
CA ARG A 140 -9.86 -4.15 7.21
C ARG A 140 -9.04 -3.18 6.37
N GLN A 141 -8.60 -3.62 5.19
CA GLN A 141 -7.80 -2.78 4.28
C GLN A 141 -7.61 -3.45 2.93
N ILE A 142 -7.63 -2.61 1.88
CA ILE A 142 -7.57 -3.01 0.48
C ILE A 142 -6.41 -2.32 -0.24
N THR A 143 -5.58 -3.09 -0.93
CA THR A 143 -4.62 -2.46 -1.81
C THR A 143 -4.59 -3.08 -3.18
N VAL A 144 -4.71 -2.25 -4.21
CA VAL A 144 -4.65 -2.77 -5.58
C VAL A 144 -3.62 -2.02 -6.41
N ASN A 145 -2.76 -2.78 -7.10
CA ASN A 145 -1.63 -2.24 -7.89
C ASN A 145 -1.75 -2.54 -9.37
N ASP A 146 -1.52 -1.57 -10.23
CA ASP A 146 -1.44 -1.89 -11.66
C ASP A 146 -0.33 -2.89 -11.83
N LEU A 147 -0.39 -3.70 -12.89
CA LEU A 147 0.51 -4.86 -13.01
C LEU A 147 2.02 -4.60 -12.74
N PRO A 148 2.60 -3.51 -13.32
CA PRO A 148 4.04 -3.25 -13.14
C PRO A 148 4.59 -3.22 -11.70
N VAL A 149 3.88 -2.63 -10.74
CA VAL A 149 4.42 -2.48 -9.37
C VAL A 149 3.98 -3.51 -8.30
N GLY A 150 4.94 -3.88 -7.46
CA GLY A 150 4.77 -4.93 -6.46
C GLY A 150 4.38 -4.39 -5.10
N ARG A 151 4.18 -5.29 -4.13
CA ARG A 151 3.72 -4.95 -2.79
C ARG A 151 4.86 -5.14 -1.84
N SER A 152 4.89 -4.35 -0.77
CA SER A 152 5.90 -4.59 0.25
C SER A 152 5.47 -5.55 1.34
N VAL A 153 6.29 -6.57 1.60
CA VAL A 153 6.11 -7.39 2.76
C VAL A 153 6.16 -6.49 3.99
N ASP A 154 7.19 -5.64 4.10
CA ASP A 154 7.31 -4.74 5.25
C ASP A 154 6.03 -3.92 5.55
N GLU A 155 5.42 -3.36 4.52
CA GLU A 155 4.21 -2.56 4.67
C GLU A 155 2.95 -3.40 5.02
N THR A 156 2.92 -4.65 4.57
CA THR A 156 1.86 -5.60 4.93
C THR A 156 1.94 -6.00 6.40
N LEU A 157 3.14 -6.38 6.86
CA LEU A 157 3.38 -6.59 8.28
C LEU A 157 2.97 -5.35 9.05
N ARG A 158 3.52 -4.18 8.69
CA ARG A 158 3.20 -2.93 9.39
C ARG A 158 1.69 -2.72 9.52
N LEU A 159 0.91 -3.08 8.50
CA LEU A 159 -0.54 -2.89 8.56
C LEU A 159 -1.17 -3.91 9.53
N VAL A 160 -0.94 -5.20 9.27
CA VAL A 160 -1.35 -6.29 10.16
C VAL A 160 -1.16 -5.99 11.66
N GLN A 161 0.08 -5.67 12.06
CA GLN A 161 0.39 -5.28 13.45
C GLN A 161 -0.43 -4.09 13.95
N ALA A 162 -0.66 -3.13 13.08
CA ALA A 162 -1.36 -1.92 13.49
C ALA A 162 -2.84 -2.19 13.80
N PHE A 163 -3.45 -3.08 13.03
CA PHE A 163 -4.83 -3.46 13.22
C PHE A 163 -4.97 -4.35 14.43
N GLN A 164 -3.91 -5.09 14.69
CA GLN A 164 -3.86 -5.90 15.87
C GLN A 164 -3.66 -5.03 17.11
N PHE A 165 -2.87 -3.99 16.98
CA PHE A 165 -2.67 -3.09 18.10
C PHE A 165 -4.00 -2.54 18.65
N THR A 166 -4.86 -2.06 17.77
CA THR A 166 -6.10 -1.41 18.21
C THR A 166 -7.14 -2.49 18.53
N ASP A 167 -7.06 -3.62 17.84
CA ASP A 167 -7.87 -4.78 18.18
C ASP A 167 -7.63 -5.16 19.61
N LYS A 168 -6.38 -5.08 20.04
CA LYS A 168 -5.97 -5.56 21.35
C LYS A 168 -6.36 -4.62 22.50
N HIS A 169 -6.75 -3.40 22.16
CA HIS A 169 -7.46 -2.58 23.14
C HIS A 169 -8.92 -2.89 22.88
N GLY A 170 -9.80 -2.59 23.81
CA GLY A 170 -11.19 -3.02 23.64
C GLY A 170 -11.49 -4.34 24.30
N GLU A 171 -10.49 -4.85 25.03
CA GLU A 171 -10.72 -5.76 26.13
C GLU A 171 -10.60 -4.93 27.41
N VAL A 172 -10.70 -3.61 27.27
CA VAL A 172 -10.51 -2.67 28.37
C VAL A 172 -11.82 -2.43 29.10
N SER A 173 -11.73 -1.85 30.31
CA SER A 173 -12.89 -1.70 31.20
C SER A 173 -12.77 -0.48 32.15
N PRO A 174 -13.89 -0.01 32.72
CA PRO A 174 -13.91 1.21 33.55
C PRO A 174 -12.68 1.44 34.40
N ALA A 175 -12.18 2.68 34.37
CA ALA A 175 -10.89 2.99 34.96
C ALA A 175 -10.95 3.08 36.48
N GLY A 176 -12.16 2.99 37.04
CA GLY A 176 -12.36 3.20 38.47
C GLY A 176 -11.91 4.59 38.89
N TRP A 177 -11.96 5.52 37.94
CA TRP A 177 -11.55 6.91 38.13
C TRP A 177 -12.72 7.86 37.81
N LYS A 178 -12.77 9.03 38.47
CA LYS A 178 -13.85 9.99 38.25
C LYS A 178 -13.34 11.41 38.49
N PRO A 179 -13.60 12.35 37.56
CA PRO A 179 -13.41 13.79 37.87
C PRO A 179 -14.70 14.34 38.50
N GLY A 180 -14.66 15.38 39.35
CA GLY A 180 -13.51 16.19 39.78
C GLY A 180 -14.15 17.43 40.39
N SER A 181 -13.68 17.95 41.54
CA SER A 181 -12.36 17.72 42.16
C SER A 181 -12.11 16.35 42.86
N ASP A 182 -10.91 16.13 43.42
CA ASP A 182 -9.78 17.07 43.42
C ASP A 182 -8.99 16.88 42.14
N THR A 183 -9.72 16.88 41.04
CA THR A 183 -9.16 16.67 39.72
C THR A 183 -8.86 18.01 39.02
N ILE A 184 -9.62 19.04 39.35
CA ILE A 184 -9.52 20.36 38.71
C ILE A 184 -8.11 20.95 38.89
N LYS A 185 -7.60 21.64 37.86
CA LYS A 185 -6.27 22.26 37.94
C LYS A 185 -6.31 23.80 38.10
N PRO A 186 -5.50 24.34 39.04
CA PRO A 186 -5.31 25.80 39.15
C PRO A 186 -4.84 26.43 37.85
N SER B 3 -13.99 -0.66 -6.44
CA SER B 3 -13.94 0.65 -5.71
C SER B 3 -14.58 1.79 -6.52
N GLY B 4 -15.80 2.15 -6.14
CA GLY B 4 -16.60 3.15 -6.84
C GLY B 4 -16.53 3.02 -8.35
N ASN B 5 -16.35 4.15 -9.02
CA ASN B 5 -16.10 4.15 -10.44
C ASN B 5 -14.62 4.40 -10.71
N ALA B 6 -13.79 4.11 -9.71
CA ALA B 6 -12.35 4.14 -9.87
C ALA B 6 -11.85 2.77 -10.25
N LYS B 7 -11.38 2.63 -11.48
CA LYS B 7 -10.84 1.36 -11.90
C LYS B 7 -9.44 1.56 -12.38
N ILE B 8 -8.61 0.58 -12.06
CA ILE B 8 -7.22 0.53 -12.53
C ILE B 8 -7.17 0.32 -14.03
N GLY B 9 -6.40 1.15 -14.73
CA GLY B 9 -6.23 1.05 -16.18
C GLY B 9 -7.12 2.07 -16.88
N HIS B 10 -8.11 2.55 -16.14
CA HIS B 10 -9.11 3.48 -16.62
C HIS B 10 -8.81 4.87 -16.05
N PRO B 11 -9.35 5.94 -16.67
CA PRO B 11 -9.08 7.30 -16.18
C PRO B 11 -9.59 7.44 -14.77
N ALA B 12 -9.09 8.40 -14.03
CA ALA B 12 -9.54 8.58 -12.66
C ALA B 12 -10.94 9.16 -12.71
N PRO B 13 -11.81 8.88 -11.70
CA PRO B 13 -13.09 9.57 -11.65
C PRO B 13 -12.80 11.02 -11.39
N ASN B 14 -13.18 11.88 -12.33
CA ASN B 14 -12.85 13.28 -12.20
C ASN B 14 -13.71 13.86 -11.11
N PHE B 15 -13.25 14.97 -10.56
CA PHE B 15 -14.05 15.68 -9.61
C PHE B 15 -13.76 17.15 -9.81
N LYS B 16 -14.76 17.98 -9.54
CA LYS B 16 -14.48 19.37 -9.26
C LYS B 16 -15.08 19.64 -7.89
N ALA B 17 -14.31 20.36 -7.08
CA ALA B 17 -14.76 20.78 -5.78
C ALA B 17 -13.95 22.00 -5.43
N THR B 18 -14.34 22.67 -4.36
CA THR B 18 -13.62 23.84 -3.84
C THR B 18 -12.66 23.38 -2.76
N ALA B 19 -11.48 23.99 -2.72
CA ALA B 19 -10.36 23.50 -1.91
C ALA B 19 -9.57 24.63 -1.35
N VAL B 20 -8.83 24.36 -0.29
CA VAL B 20 -7.95 25.37 0.27
C VAL B 20 -6.56 25.06 -0.27
N MET B 21 -5.84 26.09 -0.67
CA MET B 21 -4.53 25.91 -1.30
C MET B 21 -3.45 26.27 -0.32
N PRO B 22 -2.22 25.77 -0.54
CA PRO B 22 -1.07 26.12 0.30
C PRO B 22 -1.01 27.56 0.80
N ASP B 23 -1.59 28.52 0.06
CA ASP B 23 -1.51 29.95 0.42
C ASP B 23 -2.67 30.43 1.30
N GLY B 24 -3.71 29.62 1.41
CA GLY B 24 -4.87 29.96 2.22
C GLY B 24 -6.15 30.25 1.44
N GLN B 25 -6.04 30.94 0.31
CA GLN B 25 -7.24 31.34 -0.41
C GLN B 25 -7.97 30.13 -0.95
N PHE B 26 -9.30 30.17 -0.99
CA PHE B 26 -10.07 29.12 -1.64
C PHE B 26 -9.65 29.17 -3.06
N LYS B 27 -9.66 28.03 -3.72
CA LYS B 27 -9.66 28.01 -5.16
C LYS B 27 -10.69 26.98 -5.52
N ASP B 28 -11.09 26.97 -6.77
CA ASP B 28 -12.06 26.02 -7.21
C ASP B 28 -11.40 25.20 -8.31
N ILE B 29 -11.03 23.97 -7.97
CA ILE B 29 -10.15 23.14 -8.79
C ILE B 29 -10.81 21.83 -9.22
N SER B 30 -10.20 21.18 -10.21
CA SER B 30 -10.60 19.83 -10.64
C SER B 30 -9.38 18.90 -10.91
N LEU B 31 -9.60 17.60 -10.74
CA LEU B 31 -8.52 16.61 -10.90
C LEU B 31 -7.78 16.78 -12.25
N SER B 32 -8.55 17.15 -13.28
CA SER B 32 -8.05 17.48 -14.61
C SER B 32 -7.04 18.61 -14.68
N ASP B 33 -7.02 19.55 -13.74
CA ASP B 33 -6.01 20.61 -13.80
C ASP B 33 -4.61 20.04 -13.73
N TYR B 34 -4.54 18.76 -13.38
CA TYR B 34 -3.32 18.12 -12.89
C TYR B 34 -2.77 17.11 -13.88
N LYS B 35 -3.62 16.79 -14.86
CA LYS B 35 -3.19 16.19 -16.11
C LYS B 35 -1.79 16.69 -16.43
N GLY B 36 -0.92 15.76 -16.77
CA GLY B 36 0.50 16.08 -16.92
C GLY B 36 1.38 15.94 -15.68
N LYS B 37 0.83 15.54 -14.54
CA LYS B 37 1.63 15.27 -13.35
C LYS B 37 1.11 14.01 -12.73
N TYR B 38 1.89 13.34 -11.89
CA TYR B 38 1.26 12.30 -11.07
C TYR B 38 0.43 12.96 -9.95
N VAL B 39 -0.64 12.31 -9.55
CA VAL B 39 -1.41 12.80 -8.42
C VAL B 39 -1.56 11.75 -7.34
N VAL B 40 -1.25 12.17 -6.12
CA VAL B 40 -1.52 11.38 -4.95
C VAL B 40 -2.69 12.00 -4.24
N PHE B 41 -3.84 11.31 -4.35
CA PHE B 41 -5.12 11.81 -3.85
C PHE B 41 -5.60 10.96 -2.68
N PHE B 42 -5.69 11.60 -1.52
CA PHE B 42 -6.03 10.85 -0.33
C PHE B 42 -7.15 11.47 0.48
N PHE B 43 -7.92 10.58 1.10
CA PHE B 43 -9.02 10.94 1.95
C PHE B 43 -8.66 10.80 3.43
N TYR B 44 -9.10 11.76 4.23
CA TYR B 44 -9.13 11.59 5.68
C TYR B 44 -10.54 11.70 6.24
N PRO B 45 -10.76 11.14 7.44
CA PRO B 45 -12.10 11.08 8.01
C PRO B 45 -12.78 12.45 8.17
N LEU B 46 -12.19 13.33 8.98
CA LEU B 46 -12.69 14.68 9.12
C LEU B 46 -11.73 15.64 9.81
N ASP B 47 -12.18 16.88 9.91
CA ASP B 47 -11.28 17.97 10.12
C ASP B 47 -10.74 18.05 11.53
N PHE B 48 -11.57 18.32 12.51
CA PHE B 48 -10.97 18.50 13.82
C PHE B 48 -10.91 17.21 14.63
N THR B 49 -10.20 16.18 14.12
CA THR B 49 -10.04 14.93 14.86
C THR B 49 -9.22 15.18 16.12
N PHE B 50 -9.67 14.63 17.24
CA PHE B 50 -8.86 14.64 18.46
C PHE B 50 -7.60 13.76 18.29
N VAL B 51 -7.46 13.09 17.14
CA VAL B 51 -6.20 12.48 16.69
C VAL B 51 -5.29 13.62 16.28
N CYS B 52 -4.04 13.56 16.73
CA CYS B 52 -3.08 14.52 16.22
C CYS B 52 -2.81 14.01 14.80
N PRO B 53 -3.07 14.88 13.80
CA PRO B 53 -3.13 14.55 12.37
C PRO B 53 -1.79 14.20 11.80
N THR B 54 -1.33 12.99 12.13
CA THR B 54 0.01 12.55 11.80
C THR B 54 0.22 12.56 10.28
N GLU B 55 -0.79 12.10 9.55
CA GLU B 55 -0.65 11.85 8.14
C GLU B 55 -0.55 13.13 7.34
N ILE B 56 -1.62 13.93 7.37
CA ILE B 56 -1.65 15.10 6.50
C ILE B 56 -0.39 15.90 6.73
N ILE B 57 0.00 16.05 7.99
CA ILE B 57 1.19 16.80 8.28
C ILE B 57 2.43 16.15 7.68
N ALA B 58 2.45 14.84 7.64
CA ALA B 58 3.64 14.20 7.19
C ALA B 58 3.74 14.38 5.67
N PHE B 59 2.61 14.23 4.98
CA PHE B 59 2.50 14.55 3.54
C PHE B 59 2.80 16.02 3.24
N SER B 60 2.27 16.94 4.04
CA SER B 60 2.58 18.33 3.80
C SER B 60 4.05 18.60 4.02
N ASP B 61 4.73 17.71 4.73
CA ASP B 61 6.07 17.99 5.21
C ASP B 61 7.14 17.51 4.27
N ARG B 62 6.80 16.53 3.47
CA ARG B 62 7.72 16.03 2.49
C ARG B 62 7.15 16.30 1.10
N ALA B 63 6.55 17.48 0.95
CA ALA B 63 5.94 17.87 -0.33
C ALA B 63 6.99 18.03 -1.44
N GLU B 64 8.18 18.51 -1.06
CA GLU B 64 9.30 18.70 -1.99
C GLU B 64 9.64 17.40 -2.71
N GLU B 65 9.68 16.29 -1.97
CA GLU B 65 10.09 15.01 -2.51
C GLU B 65 9.12 14.56 -3.56
N PHE B 66 7.86 14.96 -3.40
CA PHE B 66 6.83 14.64 -4.38
C PHE B 66 6.95 15.59 -5.56
N LYS B 67 7.22 16.84 -5.26
CA LYS B 67 7.46 17.83 -6.27
C LYS B 67 8.52 17.36 -7.31
N LYS B 68 9.69 16.85 -6.87
CA LYS B 68 10.74 16.40 -7.78
C LYS B 68 10.41 15.08 -8.45
N LEU B 69 9.34 14.42 -8.04
CA LEU B 69 8.83 13.30 -8.84
C LEU B 69 7.69 13.76 -9.73
N ASN B 70 7.55 15.07 -9.91
CA ASN B 70 6.48 15.66 -10.73
C ASN B 70 5.10 15.09 -10.35
N SER B 71 4.83 15.17 -9.05
CA SER B 71 3.57 14.69 -8.50
C SER B 71 3.05 15.73 -7.49
N GLN B 72 1.74 15.81 -7.40
CA GLN B 72 1.05 16.76 -6.55
C GLN B 72 0.26 15.93 -5.55
N VAL B 73 0.32 16.32 -4.30
CA VAL B 73 -0.44 15.63 -3.26
C VAL B 73 -1.70 16.43 -3.00
N ILE B 74 -2.86 15.78 -3.03
CA ILE B 74 -4.09 16.46 -2.61
C ILE B 74 -4.90 15.70 -1.54
N GLY B 75 -5.31 16.44 -0.50
CA GLY B 75 -6.09 15.89 0.60
C GLY B 75 -7.56 16.23 0.50
N ALA B 76 -8.41 15.28 0.83
CA ALA B 76 -9.86 15.43 0.77
C ALA B 76 -10.51 15.02 2.08
N SER B 77 -11.66 15.63 2.37
CA SER B 77 -12.56 15.19 3.45
C SER B 77 -13.91 15.83 3.28
N VAL B 78 -14.93 15.11 3.69
CA VAL B 78 -16.28 15.59 3.48
C VAL B 78 -16.63 16.89 4.20
N ASP B 79 -15.69 17.47 4.93
CA ASP B 79 -15.93 18.73 5.60
C ASP B 79 -16.10 19.85 4.58
N SER B 80 -16.74 20.93 4.98
CA SER B 80 -16.71 22.19 4.24
C SER B 80 -15.27 22.70 4.12
N HIS B 81 -15.03 23.57 3.15
CA HIS B 81 -13.74 24.24 2.97
C HIS B 81 -13.54 25.30 4.01
N PHE B 82 -14.66 25.74 4.59
CA PHE B 82 -14.61 26.60 5.75
C PHE B 82 -13.93 25.85 6.88
N GLU B 83 -14.35 24.61 7.10
CA GLU B 83 -13.72 23.77 8.12
C GLU B 83 -12.24 23.58 7.85
N HIS B 84 -11.88 23.31 6.59
CA HIS B 84 -10.47 23.18 6.21
C HIS B 84 -9.72 24.46 6.51
N LEU B 85 -10.28 25.59 6.07
CA LEU B 85 -9.63 26.89 6.32
C LEU B 85 -9.40 27.03 7.81
N ALA B 86 -10.44 26.75 8.59
CA ALA B 86 -10.41 26.90 10.06
C ALA B 86 -9.31 26.04 10.70
N TRP B 87 -9.20 24.80 10.21
CA TRP B 87 -8.25 23.86 10.74
C TRP B 87 -6.83 24.27 10.36
N VAL B 88 -6.67 24.89 9.19
CA VAL B 88 -5.33 25.29 8.78
C VAL B 88 -4.78 26.39 9.68
N ASN B 89 -5.62 27.35 10.03
CA ASN B 89 -5.15 28.47 10.87
C ASN B 89 -4.92 28.15 12.34
N THR B 90 -5.50 27.02 12.79
CA THR B 90 -5.23 26.45 14.11
C THR B 90 -3.82 25.86 14.14
N PRO B 91 -2.94 26.40 15.01
CA PRO B 91 -1.52 26.01 15.11
C PRO B 91 -1.34 24.57 15.57
N LYS B 92 -0.18 24.01 15.28
CA LYS B 92 0.07 22.59 15.56
C LYS B 92 0.26 22.24 17.05
N LYS B 93 0.59 23.23 17.87
CA LYS B 93 0.69 23.06 19.34
C LYS B 93 -0.65 22.78 20.00
N GLN B 94 -1.68 23.56 19.65
CA GLN B 94 -3.04 23.32 20.15
C GLN B 94 -3.86 22.48 19.16
N GLY B 95 -3.22 21.44 18.63
CA GLY B 95 -3.90 20.37 17.88
C GLY B 95 -4.01 20.49 16.37
N GLY B 96 -3.98 21.71 15.86
CA GLY B 96 -4.26 21.97 14.44
C GLY B 96 -3.31 21.47 13.36
N LEU B 97 -3.65 21.78 12.12
CA LEU B 97 -2.87 21.41 10.97
C LEU B 97 -1.68 22.32 10.81
N GLY B 98 -1.91 23.62 10.99
CA GLY B 98 -0.89 24.60 10.65
C GLY B 98 -0.78 24.78 9.14
N PRO B 99 0.16 25.64 8.70
CA PRO B 99 0.34 25.97 7.29
C PRO B 99 0.59 24.71 6.47
N MET B 100 -0.29 24.45 5.49
CA MET B 100 -0.10 23.34 4.60
C MET B 100 0.71 23.73 3.37
N ASN B 101 1.48 22.76 2.88
CA ASN B 101 2.17 22.82 1.62
C ASN B 101 1.40 22.09 0.55
N ILE B 102 0.19 21.63 0.88
CA ILE B 102 -0.62 20.84 -0.05
C ILE B 102 -2.07 21.31 -0.03
N PRO B 103 -2.76 21.18 -1.16
CA PRO B 103 -4.14 21.67 -1.21
C PRO B 103 -5.11 20.77 -0.43
N LEU B 104 -6.26 21.31 -0.02
CA LEU B 104 -7.25 20.50 0.68
C LEU B 104 -8.64 20.61 0.10
N VAL B 105 -9.05 19.54 -0.58
CA VAL B 105 -10.37 19.43 -1.20
C VAL B 105 -11.48 19.20 -0.18
N SER B 106 -12.67 19.69 -0.48
CA SER B 106 -13.84 19.61 0.40
C SER B 106 -14.94 18.88 -0.33
N ASP B 107 -15.49 17.84 0.29
CA ASP B 107 -16.44 16.94 -0.38
C ASP B 107 -17.81 16.98 0.31
N PRO B 108 -18.47 18.16 0.37
CA PRO B 108 -19.66 18.24 1.20
C PRO B 108 -20.82 17.36 0.72
N LYS B 109 -21.05 17.28 -0.58
CA LYS B 109 -22.12 16.41 -1.08
C LYS B 109 -21.74 14.95 -1.03
N ARG B 110 -20.43 14.70 -0.85
CA ARG B 110 -19.91 13.35 -0.56
C ARG B 110 -19.91 12.42 -1.77
N THR B 111 -20.04 12.99 -2.96
CA THR B 111 -20.07 12.21 -4.21
C THR B 111 -18.68 11.74 -4.67
N ILE B 112 -17.64 12.47 -4.28
CA ILE B 112 -16.27 12.05 -4.58
C ILE B 112 -15.92 10.74 -3.84
N ALA B 113 -16.18 10.71 -2.52
CA ALA B 113 -16.04 9.48 -1.75
C ALA B 113 -16.70 8.27 -2.40
N GLN B 114 -17.94 8.46 -2.89
CA GLN B 114 -18.66 7.37 -3.58
C GLN B 114 -17.98 7.08 -4.89
N ASP B 115 -17.72 8.13 -5.66
CA ASP B 115 -17.00 8.00 -6.93
C ASP B 115 -15.77 7.12 -6.70
N TYR B 116 -15.07 7.36 -5.59
CA TYR B 116 -13.88 6.59 -5.24
C TYR B 116 -14.13 5.39 -4.32
N GLY B 117 -15.40 5.10 -4.02
CA GLY B 117 -15.81 3.86 -3.33
C GLY B 117 -15.29 3.72 -1.91
N VAL B 118 -15.25 4.84 -1.22
CA VAL B 118 -14.61 4.95 0.09
C VAL B 118 -15.51 5.62 1.16
N LEU B 119 -16.80 5.67 0.91
CA LEU B 119 -17.72 6.33 1.84
C LEU B 119 -18.18 5.34 2.90
N LYS B 120 -18.14 5.75 4.16
CA LYS B 120 -18.80 5.02 5.24
C LYS B 120 -20.26 5.43 5.26
N ALA B 121 -21.14 4.58 4.73
CA ALA B 121 -22.55 4.95 4.56
C ALA B 121 -23.17 5.56 5.84
N ASP B 122 -22.86 4.96 6.99
CA ASP B 122 -23.58 5.19 8.23
C ASP B 122 -23.27 6.54 8.85
N GLU B 123 -21.98 6.80 9.05
CA GLU B 123 -21.55 8.07 9.63
C GLU B 123 -21.23 9.14 8.59
N GLY B 124 -21.36 8.78 7.31
CA GLY B 124 -21.16 9.71 6.18
C GLY B 124 -19.80 10.37 6.07
N ILE B 125 -18.74 9.64 6.40
CA ILE B 125 -17.40 10.19 6.23
C ILE B 125 -16.60 9.31 5.29
N SER B 126 -15.43 9.78 4.84
CA SER B 126 -14.57 8.92 4.01
C SER B 126 -13.73 7.99 4.88
N PHE B 127 -13.48 6.80 4.37
CA PHE B 127 -12.45 5.92 4.90
C PHE B 127 -11.09 6.52 4.52
N ARG B 128 -10.00 5.95 5.04
CA ARG B 128 -8.67 6.48 4.76
C ARG B 128 -8.16 5.98 3.45
N GLY B 129 -8.62 6.62 2.37
CA GLY B 129 -8.26 6.22 1.00
C GLY B 129 -7.11 6.99 0.36
N LEU B 130 -6.48 6.39 -0.63
CA LEU B 130 -5.36 7.04 -1.27
C LEU B 130 -5.26 6.45 -2.64
N PHE B 131 -5.18 7.32 -3.63
CA PHE B 131 -5.19 6.86 -5.01
C PHE B 131 -4.05 7.55 -5.74
N ILE B 132 -3.36 6.75 -6.56
CA ILE B 132 -2.34 7.27 -7.44
C ILE B 132 -2.79 7.26 -8.90
N ILE B 133 -2.82 8.46 -9.44
CA ILE B 133 -3.23 8.74 -10.81
C ILE B 133 -2.03 9.31 -11.57
N ASP B 134 -1.82 8.89 -12.81
CA ASP B 134 -0.61 9.34 -13.53
C ASP B 134 -0.82 10.65 -14.31
N ASP B 135 0.20 11.05 -15.06
CA ASP B 135 0.15 12.29 -15.85
C ASP B 135 -0.94 12.27 -16.93
N LYS B 136 -1.32 11.09 -17.39
CA LYS B 136 -2.38 10.94 -18.36
C LYS B 136 -3.76 10.75 -17.69
N GLY B 137 -3.83 10.97 -16.38
CA GLY B 137 -5.10 10.86 -15.64
C GLY B 137 -5.58 9.45 -15.42
N ILE B 138 -4.76 8.45 -15.78
CA ILE B 138 -5.04 7.04 -15.48
C ILE B 138 -4.80 6.70 -13.96
N LEU B 139 -5.46 5.65 -13.48
CA LEU B 139 -5.37 5.28 -12.08
C LEU B 139 -4.47 4.05 -11.98
N ARG B 140 -3.47 4.14 -11.10
CA ARG B 140 -2.46 3.09 -11.03
C ARG B 140 -2.57 2.19 -9.80
N GLN B 141 -3.06 2.76 -8.69
CA GLN B 141 -3.10 2.01 -7.47
C GLN B 141 -4.10 2.57 -6.47
N ILE B 142 -4.77 1.64 -5.80
CA ILE B 142 -5.81 1.91 -4.83
C ILE B 142 -5.35 1.34 -3.51
N THR B 143 -5.27 2.20 -2.50
CA THR B 143 -5.16 1.74 -1.12
C THR B 143 -6.24 2.32 -0.18
N VAL B 144 -7.01 1.44 0.44
CA VAL B 144 -7.99 1.87 1.43
C VAL B 144 -7.75 1.14 2.76
N ASN B 145 -7.75 1.93 3.83
CA ASN B 145 -7.55 1.45 5.20
C ASN B 145 -8.80 1.74 6.03
N ASP B 146 -9.14 0.83 6.93
CA ASP B 146 -10.16 1.13 7.93
C ASP B 146 -9.63 2.28 8.80
N LEU B 147 -10.53 3.05 9.38
CA LEU B 147 -10.17 4.25 10.17
C LEU B 147 -8.94 4.29 11.13
N PRO B 148 -8.69 3.25 11.93
CA PRO B 148 -7.60 3.42 12.92
C PRO B 148 -6.15 3.36 12.42
N VAL B 149 -5.95 3.00 11.16
CA VAL B 149 -4.59 2.78 10.68
C VAL B 149 -4.11 3.76 9.59
N GLY B 150 -3.11 4.57 9.94
CA GLY B 150 -2.60 5.61 9.05
C GLY B 150 -1.87 5.06 7.83
N ARG B 151 -1.51 5.95 6.91
CA ARG B 151 -0.73 5.59 5.73
C ARG B 151 0.72 6.06 5.84
N SER B 152 1.58 5.39 5.10
CA SER B 152 3.00 5.65 5.16
C SER B 152 3.42 6.53 4.01
N VAL B 153 4.10 7.63 4.33
CA VAL B 153 4.66 8.40 3.26
C VAL B 153 5.69 7.60 2.45
N ASP B 154 6.68 6.96 3.08
CA ASP B 154 7.67 6.15 2.31
C ASP B 154 7.02 5.17 1.35
N GLU B 155 5.94 4.53 1.78
CA GLU B 155 5.31 3.60 0.90
C GLU B 155 4.72 4.30 -0.33
N THR B 156 4.12 5.48 -0.11
CA THR B 156 3.56 6.23 -1.21
C THR B 156 4.66 6.64 -2.22
N LEU B 157 5.76 7.20 -1.71
CA LEU B 157 6.94 7.49 -2.53
C LEU B 157 7.46 6.29 -3.30
N ARG B 158 7.61 5.15 -2.62
CA ARG B 158 8.08 3.93 -3.25
C ARG B 158 7.18 3.58 -4.40
N LEU B 159 5.89 3.81 -4.24
CA LEU B 159 4.90 3.50 -5.27
C LEU B 159 5.01 4.48 -6.44
N VAL B 160 5.02 5.78 -6.13
CA VAL B 160 5.13 6.74 -7.21
C VAL B 160 6.40 6.48 -8.01
N GLN B 161 7.50 6.19 -7.32
CA GLN B 161 8.81 6.03 -7.96
C GLN B 161 8.81 4.82 -8.86
N ALA B 162 8.04 3.81 -8.46
CA ALA B 162 7.99 2.58 -9.23
C ALA B 162 7.12 2.70 -10.51
N PHE B 163 6.06 3.51 -10.45
CA PHE B 163 5.21 3.73 -11.61
C PHE B 163 5.96 4.62 -12.54
N GLN B 164 6.64 5.59 -11.98
CA GLN B 164 7.44 6.42 -12.84
C GLN B 164 8.63 5.66 -13.42
N PHE B 165 9.26 4.78 -12.63
CA PHE B 165 10.32 4.00 -13.19
C PHE B 165 9.74 3.33 -14.45
N THR B 166 8.64 2.60 -14.29
CA THR B 166 8.07 1.83 -15.40
C THR B 166 7.65 2.73 -16.54
N ASP B 167 7.00 3.85 -16.25
CA ASP B 167 6.66 4.87 -17.27
C ASP B 167 7.86 5.21 -18.13
N LYS B 168 8.88 5.80 -17.50
CA LYS B 168 10.02 6.41 -18.19
C LYS B 168 10.71 5.42 -19.11
N HIS B 169 10.64 4.13 -18.75
CA HIS B 169 11.26 3.10 -19.54
C HIS B 169 10.51 2.76 -20.82
N GLY B 170 9.47 3.52 -21.12
CA GLY B 170 8.67 3.30 -22.32
C GLY B 170 8.96 4.34 -23.38
N GLU B 171 9.94 5.19 -23.11
CA GLU B 171 10.44 6.13 -24.09
C GLU B 171 11.75 5.54 -24.52
N VAL B 172 11.66 4.74 -25.56
CA VAL B 172 12.75 3.91 -26.02
C VAL B 172 12.79 3.93 -27.53
N SER B 173 13.97 3.76 -28.08
CA SER B 173 14.10 3.97 -29.47
C SER B 173 14.43 2.64 -30.02
N PRO B 174 14.05 2.37 -31.28
CA PRO B 174 14.44 1.15 -31.92
C PRO B 174 15.89 0.82 -31.58
N ALA B 175 16.15 -0.42 -31.22
CA ALA B 175 17.47 -0.86 -30.75
C ALA B 175 18.56 -0.92 -31.83
N GLY B 176 18.16 -0.85 -33.09
CA GLY B 176 19.12 -0.99 -34.19
C GLY B 176 20.01 -2.22 -34.11
N TRP B 177 19.51 -3.35 -33.63
CA TRP B 177 20.33 -4.53 -33.43
C TRP B 177 19.47 -5.75 -33.63
N LYS B 178 20.02 -6.82 -34.20
CA LYS B 178 19.29 -8.08 -34.32
C LYS B 178 20.18 -9.28 -34.06
N PRO B 179 19.62 -10.34 -33.48
CA PRO B 179 20.34 -11.60 -33.50
C PRO B 179 20.50 -12.11 -34.93
N GLY B 180 21.49 -12.98 -35.11
CA GLY B 180 21.88 -13.54 -36.39
C GLY B 180 22.94 -14.61 -36.12
N SER B 181 23.33 -15.33 -37.15
CA SER B 181 24.35 -16.36 -37.01
C SER B 181 25.64 -15.81 -36.41
N ASP B 182 25.97 -14.56 -36.77
CA ASP B 182 27.03 -13.71 -36.19
C ASP B 182 27.08 -13.68 -34.64
N THR B 183 25.97 -14.08 -34.03
CA THR B 183 25.61 -13.62 -32.71
C THR B 183 25.40 -14.78 -31.75
N ILE B 184 25.32 -15.98 -32.32
CA ILE B 184 25.13 -17.21 -31.55
C ILE B 184 26.27 -17.46 -30.54
N LYS B 185 25.87 -17.95 -29.37
CA LYS B 185 26.79 -18.38 -28.33
C LYS B 185 26.92 -19.90 -28.47
N PRO B 186 28.03 -20.37 -29.05
CA PRO B 186 28.22 -21.77 -29.47
C PRO B 186 28.27 -22.80 -28.35
N ASP B 187 27.48 -23.87 -28.51
CA ASP B 187 27.53 -25.09 -27.68
C ASP B 187 27.16 -24.91 -26.20
N SER C 5 6.29 -9.77 -36.64
CA SER C 5 7.31 -10.86 -36.86
C SER C 5 6.86 -11.73 -38.03
N ILE C 6 7.52 -11.54 -39.17
CA ILE C 6 7.29 -12.35 -40.38
C ILE C 6 7.78 -13.82 -40.22
N HIS C 7 8.83 -14.02 -39.44
CA HIS C 7 9.56 -15.29 -39.32
C HIS C 7 9.24 -16.10 -38.04
N SER C 8 10.27 -16.79 -37.53
CA SER C 8 10.37 -17.47 -36.22
C SER C 8 11.69 -18.26 -36.28
N GLY C 9 12.39 -18.43 -35.15
CA GLY C 9 13.68 -19.17 -35.15
C GLY C 9 13.78 -20.25 -34.09
N ARG C 10 12.80 -21.16 -34.06
CA ARG C 10 12.62 -22.12 -32.94
C ARG C 10 13.46 -23.40 -33.12
N ILE C 11 13.73 -24.15 -32.03
CA ILE C 11 13.10 -24.01 -30.69
C ILE C 11 14.07 -23.81 -29.48
N ALA C 12 15.25 -23.22 -29.66
CA ALA C 12 16.17 -22.95 -28.52
C ALA C 12 17.59 -22.37 -28.80
N ALA C 13 17.72 -21.44 -29.74
CA ALA C 13 19.04 -20.85 -30.01
C ALA C 13 19.53 -19.84 -28.93
N VAL C 14 20.80 -19.95 -28.55
CA VAL C 14 21.38 -19.02 -27.56
C VAL C 14 22.29 -17.95 -28.16
N HIS C 15 22.06 -16.69 -27.76
CA HIS C 15 22.77 -15.51 -28.34
C HIS C 15 23.48 -14.65 -27.26
N ASN C 16 24.55 -13.97 -27.65
CA ASN C 16 25.24 -13.06 -26.76
C ASN C 16 24.65 -11.72 -27.02
N VAL C 17 23.78 -11.26 -26.14
CA VAL C 17 22.99 -10.04 -26.46
C VAL C 17 23.45 -8.90 -25.60
N PRO C 18 23.60 -7.71 -26.20
CA PRO C 18 24.25 -6.59 -25.54
C PRO C 18 23.34 -6.01 -24.51
N LEU C 19 23.89 -5.74 -23.32
CA LEU C 19 23.12 -5.12 -22.24
C LEU C 19 22.60 -3.75 -22.66
N SER C 20 23.35 -3.06 -23.53
CA SER C 20 22.99 -1.69 -23.93
C SER C 20 21.65 -1.61 -24.68
N VAL C 21 21.09 -2.79 -24.96
CA VAL C 21 19.98 -3.01 -25.90
C VAL C 21 18.74 -3.58 -25.16
N LEU C 22 18.98 -4.08 -23.95
CA LEU C 22 17.90 -4.58 -23.09
C LEU C 22 17.17 -3.49 -22.32
N ILE C 23 15.86 -3.44 -22.53
CA ILE C 23 14.96 -2.60 -21.76
C ILE C 23 14.53 -3.42 -20.57
N ARG C 24 14.80 -2.90 -19.39
CA ARG C 24 14.49 -3.57 -18.14
C ARG C 24 13.49 -2.74 -17.36
N PRO C 25 12.22 -2.73 -17.79
CA PRO C 25 11.26 -1.76 -17.32
C PRO C 25 10.73 -1.96 -15.89
N LEU C 26 10.96 -3.12 -15.31
CA LEU C 26 10.42 -3.40 -13.98
C LEU C 26 11.43 -3.21 -12.86
N PRO C 27 11.02 -2.45 -11.84
CA PRO C 27 11.74 -2.18 -10.61
C PRO C 27 12.27 -3.46 -9.95
N SER C 28 13.59 -3.62 -10.01
CA SER C 28 14.22 -4.76 -9.39
C SER C 28 14.09 -4.64 -7.88
N VAL C 29 13.83 -5.76 -7.20
CA VAL C 29 14.05 -5.85 -5.74
C VAL C 29 14.99 -7.02 -5.43
N LEU C 30 16.21 -6.70 -5.00
CA LEU C 30 17.27 -7.70 -5.01
C LEU C 30 17.79 -8.07 -3.64
N ASP C 31 17.92 -9.37 -3.40
CA ASP C 31 18.69 -9.89 -2.27
C ASP C 31 20.18 -9.73 -2.57
N PRO C 32 20.86 -8.79 -1.88
CA PRO C 32 22.23 -8.41 -2.30
C PRO C 32 23.21 -9.56 -2.17
N ALA C 33 23.04 -10.36 -1.12
CA ALA C 33 23.88 -11.51 -0.87
C ALA C 33 23.76 -12.55 -1.99
N LYS C 34 22.59 -12.63 -2.62
CA LYS C 34 22.41 -13.52 -3.76
C LYS C 34 23.05 -12.94 -5.00
N VAL C 35 22.89 -11.64 -5.20
CA VAL C 35 23.64 -10.95 -6.24
C VAL C 35 25.13 -11.22 -6.01
N GLN C 36 25.68 -10.76 -4.88
CA GLN C 36 27.10 -11.01 -4.54
C GLN C 36 27.58 -12.43 -4.81
N SER C 37 26.69 -13.42 -4.66
CA SER C 37 27.04 -14.84 -4.89
C SER C 37 27.07 -15.25 -6.37
N LEU C 38 26.00 -14.92 -7.09
CA LEU C 38 25.97 -15.11 -8.53
C LEU C 38 27.17 -14.49 -9.24
N VAL C 39 27.69 -13.38 -8.72
CA VAL C 39 28.87 -12.75 -9.31
C VAL C 39 30.05 -13.71 -9.28
N ASP C 40 30.31 -14.28 -8.11
CA ASP C 40 31.35 -15.30 -7.94
C ASP C 40 31.18 -16.45 -8.97
N THR C 41 29.94 -16.89 -9.18
CA THR C 41 29.66 -18.02 -10.10
C THR C 41 29.88 -17.70 -11.59
N ILE C 42 29.52 -16.49 -12.00
CA ILE C 42 29.71 -16.11 -13.39
C ILE C 42 31.20 -15.92 -13.71
N ARG C 43 31.95 -15.37 -12.76
CA ARG C 43 33.35 -15.18 -12.98
C ARG C 43 34.01 -16.51 -13.25
N GLU C 44 33.66 -17.51 -12.46
CA GLU C 44 34.50 -18.67 -12.30
C GLU C 44 33.89 -19.92 -12.93
N ASP C 45 32.58 -19.89 -13.12
CA ASP C 45 31.89 -21.03 -13.72
C ASP C 45 30.67 -20.59 -14.53
N PRO C 46 30.93 -19.95 -15.68
CA PRO C 46 29.85 -19.22 -16.39
C PRO C 46 28.83 -20.15 -17.06
N ASP C 47 29.29 -21.31 -17.52
CA ASP C 47 28.42 -22.27 -18.18
C ASP C 47 27.31 -22.82 -17.26
N SER C 48 27.55 -22.79 -15.95
CA SER C 48 26.58 -23.33 -15.00
C SER C 48 25.45 -22.37 -14.69
N VAL C 49 25.46 -21.21 -15.35
CA VAL C 49 24.43 -20.20 -15.17
C VAL C 49 23.55 -20.17 -16.40
N PRO C 50 22.30 -20.60 -16.27
CA PRO C 50 21.45 -20.72 -17.43
C PRO C 50 21.10 -19.34 -17.98
N PRO C 51 21.09 -19.20 -19.31
CA PRO C 51 20.72 -17.94 -20.02
C PRO C 51 19.33 -17.36 -19.65
N ILE C 52 19.17 -16.04 -19.74
CA ILE C 52 17.91 -15.41 -19.43
C ILE C 52 16.98 -15.42 -20.64
N ASP C 53 15.72 -15.07 -20.40
CA ASP C 53 14.70 -15.04 -21.46
C ASP C 53 14.49 -13.62 -21.84
N VAL C 54 14.64 -13.33 -23.14
CA VAL C 54 14.47 -11.98 -23.66
C VAL C 54 13.34 -11.90 -24.69
N LEU C 55 12.36 -11.03 -24.46
CA LEU C 55 11.25 -10.83 -25.38
C LEU C 55 11.68 -9.92 -26.49
N TRP C 56 11.47 -10.36 -27.71
CA TRP C 56 11.81 -9.60 -28.92
C TRP C 56 10.50 -9.16 -29.57
N ILE C 57 10.35 -7.85 -29.75
CA ILE C 57 9.11 -7.28 -30.23
C ILE C 57 9.34 -6.32 -31.37
N LYS C 58 8.46 -6.40 -32.36
CA LYS C 58 8.57 -5.57 -33.54
C LYS C 58 7.74 -4.31 -33.32
N GLY C 59 8.35 -3.15 -33.56
CA GLY C 59 7.63 -1.88 -33.47
C GLY C 59 6.74 -1.63 -34.68
N ALA C 60 5.73 -0.77 -34.52
CA ALA C 60 4.85 -0.42 -35.63
C ALA C 60 5.63 -0.06 -36.90
N GLN C 61 6.73 0.70 -36.76
CA GLN C 61 7.55 1.10 -37.92
C GLN C 61 8.75 0.14 -38.12
N GLY C 62 8.62 -1.08 -37.60
CA GLY C 62 9.63 -2.14 -37.78
C GLY C 62 10.84 -2.11 -36.85
N GLY C 63 10.80 -1.27 -35.81
CA GLY C 63 11.90 -1.20 -34.88
C GLY C 63 12.03 -2.48 -34.08
N ASP C 64 13.28 -2.84 -33.79
CA ASP C 64 13.56 -3.95 -32.89
C ASP C 64 13.57 -3.45 -31.46
N TYR C 65 12.83 -4.16 -30.61
CA TYR C 65 12.77 -3.85 -29.20
C TYR C 65 12.91 -5.10 -28.40
N PHE C 66 13.72 -5.02 -27.36
CA PHE C 66 14.07 -6.21 -26.59
C PHE C 66 13.84 -5.99 -25.13
N TYR C 67 12.93 -6.78 -24.57
CA TYR C 67 12.57 -6.69 -23.17
C TYR C 67 13.14 -7.84 -22.33
N SER C 68 13.59 -7.50 -21.13
CA SER C 68 14.03 -8.50 -20.19
C SER C 68 13.24 -8.41 -18.89
N PHE C 69 12.53 -9.49 -18.55
CA PHE C 69 11.70 -9.46 -17.36
C PHE C 69 12.14 -10.36 -16.22
N GLY C 70 13.02 -11.32 -16.52
CA GLY C 70 13.37 -12.38 -15.57
C GLY C 70 14.86 -12.47 -15.32
N GLY C 71 15.30 -13.44 -14.50
CA GLY C 71 16.73 -13.57 -14.17
C GLY C 71 17.27 -12.33 -13.46
N CYS C 72 16.39 -11.65 -12.73
CA CYS C 72 16.69 -10.42 -12.00
C CYS C 72 18.08 -10.37 -11.38
N HIS C 73 18.49 -11.47 -10.76
CA HIS C 73 19.74 -11.54 -10.03
C HIS C 73 20.91 -11.83 -10.99
N ARG C 74 20.71 -12.73 -11.94
CA ARG C 74 21.66 -12.90 -13.04
C ARG C 74 21.98 -11.56 -13.69
N TYR C 75 20.93 -10.86 -14.15
CA TYR C 75 21.11 -9.58 -14.80
C TYR C 75 21.97 -8.66 -13.95
N ALA C 76 21.71 -8.62 -12.65
CA ALA C 76 22.39 -7.66 -11.78
C ALA C 76 23.86 -8.06 -11.61
N ALA C 77 24.08 -9.35 -11.48
CA ALA C 77 25.41 -9.88 -11.38
C ALA C 77 26.20 -9.40 -12.58
N TYR C 78 25.63 -9.62 -13.77
CA TYR C 78 26.24 -9.20 -15.01
C TYR C 78 26.47 -7.69 -15.02
N GLN C 79 25.62 -6.95 -14.33
CA GLN C 79 25.80 -5.51 -14.31
C GLN C 79 26.95 -5.17 -13.38
N GLN C 80 27.09 -5.97 -12.31
CA GLN C 80 28.19 -5.80 -11.36
C GLN C 80 29.52 -6.12 -11.99
N LEU C 81 29.55 -7.17 -12.82
CA LEU C 81 30.72 -7.59 -13.59
C LEU C 81 30.99 -6.70 -14.79
N GLN C 82 30.05 -5.79 -15.07
CA GLN C 82 30.20 -4.81 -16.12
C GLN C 82 30.48 -5.41 -17.51
N ARG C 83 29.99 -6.63 -17.72
CA ARG C 83 29.98 -7.28 -19.04
C ARG C 83 29.14 -6.43 -19.97
N GLU C 84 29.35 -6.58 -21.28
CA GLU C 84 28.56 -5.83 -22.26
C GLU C 84 27.57 -6.75 -23.01
N THR C 85 27.68 -8.06 -22.70
CA THR C 85 26.81 -9.06 -23.26
C THR C 85 26.44 -10.06 -22.18
N ILE C 86 25.23 -10.57 -22.30
CA ILE C 86 24.70 -11.57 -21.43
C ILE C 86 24.13 -12.66 -22.36
N PRO C 87 24.35 -13.94 -22.02
CA PRO C 87 23.71 -15.03 -22.73
C PRO C 87 22.20 -14.95 -22.65
N ALA C 88 21.52 -14.92 -23.79
CA ALA C 88 20.07 -14.94 -23.73
C ALA C 88 19.38 -15.84 -24.76
N LYS C 89 18.19 -16.30 -24.42
CA LYS C 89 17.32 -16.92 -25.40
C LYS C 89 16.38 -15.84 -25.88
N LEU C 90 16.19 -15.74 -27.18
CA LEU C 90 15.28 -14.72 -27.70
C LEU C 90 13.91 -15.32 -27.98
N VAL C 91 12.88 -14.75 -27.34
CA VAL C 91 11.51 -15.24 -27.48
C VAL C 91 10.63 -14.20 -28.19
N GLN C 92 10.33 -14.45 -29.46
CA GLN C 92 9.62 -13.45 -30.27
C GLN C 92 8.25 -13.25 -29.65
N SER C 93 7.71 -12.04 -29.72
CA SER C 93 6.51 -11.74 -28.95
C SER C 93 5.74 -10.57 -29.53
N THR C 94 4.58 -10.29 -28.96
CA THR C 94 3.69 -9.27 -29.51
C THR C 94 3.70 -8.05 -28.60
N LEU C 95 2.97 -6.99 -28.97
CA LEU C 95 2.70 -5.92 -28.02
C LEU C 95 1.83 -6.39 -26.85
N SER C 96 0.67 -6.98 -27.14
CA SER C 96 -0.32 -7.35 -26.10
C SER C 96 0.25 -8.24 -25.00
N ASP C 97 1.32 -8.97 -25.31
CA ASP C 97 2.09 -9.70 -24.31
C ASP C 97 2.79 -8.77 -23.31
N LEU C 98 3.18 -7.58 -23.75
CA LEU C 98 3.76 -6.60 -22.85
C LEU C 98 2.78 -6.09 -21.81
N ARG C 99 1.58 -5.74 -22.28
CA ARG C 99 0.64 -5.08 -21.41
C ARG C 99 0.36 -5.95 -20.22
N VAL C 100 0.61 -7.24 -20.36
CA VAL C 100 0.46 -8.13 -19.23
C VAL C 100 1.48 -7.82 -18.13
N TYR C 101 2.70 -7.46 -18.51
CA TYR C 101 3.67 -7.07 -17.52
C TYR C 101 3.64 -5.59 -17.26
N LEU C 102 3.13 -4.80 -18.21
CA LEU C 102 3.27 -3.33 -18.12
C LEU C 102 2.03 -2.52 -17.78
N GLY C 103 0.85 -3.12 -17.96
CA GLY C 103 -0.40 -2.44 -17.73
C GLY C 103 -0.45 -1.09 -18.41
N ALA C 104 -0.98 -0.09 -17.73
CA ALA C 104 -1.12 1.24 -18.32
C ALA C 104 0.21 1.93 -18.61
N SER C 105 1.34 1.28 -18.28
CA SER C 105 2.68 1.82 -18.57
C SER C 105 3.19 1.31 -19.91
N THR C 106 2.42 0.43 -20.55
CA THR C 106 2.75 -0.13 -21.88
C THR C 106 2.91 0.92 -23.01
N PRO C 107 4.13 1.05 -23.56
CA PRO C 107 4.32 2.10 -24.52
C PRO C 107 3.83 1.69 -25.91
N ASP C 108 3.71 2.68 -26.77
CA ASP C 108 3.24 2.55 -28.14
C ASP C 108 4.45 2.42 -29.06
N LEU C 109 4.81 1.16 -29.32
CA LEU C 109 6.12 0.85 -29.90
C LEU C 109 6.24 1.18 -31.38
N GLN C 110 7.05 2.19 -31.65
CA GLN C 110 7.35 2.59 -33.02
C GLN C 110 8.54 1.81 -33.58
N ALA D 12 -13.87 25.21 29.71
CA ALA D 12 -13.64 23.77 30.07
C ALA D 12 -12.58 23.65 31.14
N ALA D 13 -12.92 23.00 32.24
CA ALA D 13 -12.00 22.75 33.34
C ALA D 13 -10.87 21.82 32.89
N VAL D 14 -9.64 22.10 33.33
CA VAL D 14 -8.48 21.27 33.00
C VAL D 14 -8.27 20.28 34.12
N HIS D 15 -8.22 19.00 33.80
CA HIS D 15 -8.14 17.97 34.83
C HIS D 15 -6.77 17.29 34.95
N ASN D 16 -6.42 16.88 36.17
CA ASN D 16 -5.18 16.13 36.45
C ASN D 16 -5.39 14.65 36.38
N VAL D 17 -5.43 14.15 35.16
CA VAL D 17 -5.81 12.77 34.94
C VAL D 17 -4.56 11.89 34.96
N PRO D 18 -4.70 10.71 35.57
CA PRO D 18 -3.60 9.77 35.65
C PRO D 18 -3.34 9.13 34.29
N LEU D 19 -2.06 9.03 33.95
CA LEU D 19 -1.67 8.49 32.65
C LEU D 19 -2.18 7.08 32.43
N SER D 20 -2.40 6.36 33.53
CA SER D 20 -2.76 4.95 33.48
C SER D 20 -4.23 4.74 33.21
N VAL D 21 -5.02 5.80 33.41
CA VAL D 21 -6.46 5.77 33.09
C VAL D 21 -6.72 5.85 31.57
N LEU D 22 -5.81 6.47 30.83
CA LEU D 22 -6.00 6.80 29.42
C LEU D 22 -5.85 5.63 28.46
N ILE D 23 -6.90 5.33 27.69
CA ILE D 23 -6.78 4.32 26.64
C ILE D 23 -6.22 4.98 25.39
N ARG D 24 -5.05 4.52 24.96
CA ARG D 24 -4.42 5.04 23.75
C ARG D 24 -4.32 3.90 22.79
N PRO D 25 -5.42 3.60 22.09
CA PRO D 25 -5.47 2.40 21.27
C PRO D 25 -4.94 2.64 19.86
N LEU D 26 -4.39 3.82 19.59
CA LEU D 26 -3.93 4.10 18.23
C LEU D 26 -2.44 3.85 18.00
N PRO D 27 -2.12 3.08 16.95
CA PRO D 27 -0.72 2.77 16.70
C PRO D 27 -0.10 4.04 16.19
N SER D 28 0.77 4.66 16.97
CA SER D 28 1.27 5.95 16.56
C SER D 28 2.78 5.98 16.68
N VAL D 29 3.42 6.21 15.53
CA VAL D 29 4.86 6.34 15.46
C VAL D 29 5.22 7.80 15.68
N LEU D 30 6.10 7.98 16.65
CA LEU D 30 6.41 9.28 17.20
C LEU D 30 7.79 9.73 16.76
N ASP D 31 7.92 11.00 16.40
CA ASP D 31 9.22 11.61 16.22
C ASP D 31 9.86 11.82 17.62
N PRO D 32 10.94 11.08 17.92
CA PRO D 32 11.58 11.24 19.23
C PRO D 32 12.14 12.65 19.50
N ALA D 33 12.45 13.39 18.43
CA ALA D 33 12.96 14.75 18.56
C ALA D 33 11.85 15.66 19.10
N LYS D 34 10.65 15.51 18.52
CA LYS D 34 9.47 16.22 18.99
C LYS D 34 9.26 15.99 20.48
N VAL D 35 9.35 14.72 20.88
CA VAL D 35 9.12 14.29 22.25
C VAL D 35 10.14 14.92 23.17
N GLN D 36 11.42 14.83 22.79
CA GLN D 36 12.49 15.34 23.63
C GLN D 36 12.38 16.86 23.84
N SER D 37 11.99 17.57 22.79
CA SER D 37 11.71 19.01 22.90
C SER D 37 10.58 19.31 23.86
N LEU D 38 9.57 18.45 23.87
CA LEU D 38 8.47 18.61 24.82
C LEU D 38 8.88 18.33 26.27
N VAL D 39 9.53 17.18 26.53
CA VAL D 39 10.11 16.92 27.86
C VAL D 39 10.90 18.15 28.32
N ASP D 40 11.73 18.67 27.42
CA ASP D 40 12.52 19.84 27.74
C ASP D 40 11.65 20.97 28.22
N THR D 41 10.73 21.41 27.36
CA THR D 41 9.93 22.59 27.65
C THR D 41 9.14 22.40 28.95
N ILE D 42 8.55 21.21 29.13
CA ILE D 42 7.81 20.88 30.35
C ILE D 42 8.54 21.25 31.65
N ARG D 43 9.77 20.73 31.83
CA ARG D 43 10.48 20.96 33.08
C ARG D 43 10.77 22.45 33.25
N GLU D 44 10.96 23.16 32.14
CA GLU D 44 11.15 24.62 32.19
C GLU D 44 9.86 25.38 32.42
N ASP D 45 8.91 25.27 31.50
CA ASP D 45 7.70 26.08 31.50
C ASP D 45 6.47 25.20 31.27
N PRO D 46 6.00 24.48 32.32
CA PRO D 46 4.97 23.47 32.11
C PRO D 46 3.68 24.12 31.63
N ASP D 47 3.48 25.38 31.97
CA ASP D 47 2.24 26.06 31.59
C ASP D 47 2.29 26.71 30.21
N SER D 48 3.35 26.47 29.43
CA SER D 48 3.34 26.85 28.02
C SER D 48 2.97 25.65 27.14
N VAL D 49 2.71 24.51 27.78
CA VAL D 49 2.34 23.28 27.09
C VAL D 49 0.84 23.03 27.26
N PRO D 50 0.06 23.11 26.17
CA PRO D 50 -1.38 23.14 26.39
C PRO D 50 -1.91 21.75 26.66
N PRO D 51 -3.04 21.65 27.38
CA PRO D 51 -3.55 20.36 27.79
C PRO D 51 -4.05 19.56 26.61
N ILE D 52 -4.06 18.24 26.76
CA ILE D 52 -4.45 17.35 25.67
C ILE D 52 -5.94 17.22 25.72
N ASP D 53 -6.52 16.59 24.71
CA ASP D 53 -7.93 16.33 24.75
C ASP D 53 -8.16 14.85 24.92
N VAL D 54 -9.13 14.56 25.76
CA VAL D 54 -9.39 13.21 26.19
C VAL D 54 -10.85 12.98 25.97
N LEU D 55 -11.14 11.98 25.15
CA LEU D 55 -12.52 11.64 24.83
C LEU D 55 -13.14 10.92 26.03
N TRP D 56 -14.15 11.52 26.64
CA TRP D 56 -14.93 10.86 27.71
C TRP D 56 -16.15 10.14 27.17
N ILE D 57 -16.14 8.83 27.34
CA ILE D 57 -17.17 7.94 26.83
C ILE D 57 -17.75 7.07 27.94
N LYS D 58 -19.07 7.05 28.03
CA LYS D 58 -19.80 6.14 28.90
C LYS D 58 -20.36 4.99 28.09
N GLY D 59 -20.02 3.78 28.52
CA GLY D 59 -20.50 2.56 27.86
C GLY D 59 -21.94 2.22 28.21
N ALA D 60 -22.41 1.10 27.67
CA ALA D 60 -23.77 0.61 27.89
C ALA D 60 -24.27 0.58 29.37
N GLN D 61 -23.35 0.59 30.35
CA GLN D 61 -23.74 0.61 31.77
C GLN D 61 -23.21 1.86 32.47
N GLY D 62 -22.77 1.72 33.72
CA GLY D 62 -22.08 2.82 34.38
C GLY D 62 -20.84 3.24 33.60
N GLY D 63 -20.32 2.31 32.80
CA GLY D 63 -18.97 2.36 32.16
C GLY D 63 -18.22 3.64 31.83
N ASP D 64 -17.21 3.96 32.66
CA ASP D 64 -16.32 5.11 32.42
C ASP D 64 -15.05 4.76 31.65
N TYR D 65 -14.89 5.36 30.47
CA TYR D 65 -13.71 5.18 29.67
C TYR D 65 -13.24 6.55 29.26
N PHE D 66 -11.92 6.74 29.29
CA PHE D 66 -11.28 7.97 28.81
C PHE D 66 -10.20 7.67 27.75
N TYR D 67 -10.50 7.97 26.50
CA TYR D 67 -9.54 7.74 25.42
C TYR D 67 -8.60 8.93 25.22
N SER D 68 -7.53 8.71 24.48
CA SER D 68 -6.63 9.79 24.13
C SER D 68 -5.98 9.47 22.80
N PHE D 69 -6.04 10.44 21.93
CA PHE D 69 -5.80 10.27 20.51
C PHE D 69 -4.91 11.41 20.05
N GLY D 70 -5.13 12.59 20.64
CA GLY D 70 -4.31 13.78 20.37
C GLY D 70 -3.04 13.70 21.18
N GLY D 71 -2.52 14.85 21.61
CA GLY D 71 -1.32 14.91 22.41
C GLY D 71 -0.39 13.70 22.28
N CYS D 72 -0.29 13.13 21.07
CA CYS D 72 0.56 11.97 20.81
C CYS D 72 1.95 12.18 21.41
N HIS D 73 2.61 13.23 20.97
CA HIS D 73 3.95 13.55 21.40
C HIS D 73 3.95 14.09 22.84
N ARG D 74 2.85 14.69 23.26
CA ARG D 74 2.67 15.21 24.61
C ARG D 74 2.54 14.07 25.62
N TYR D 75 1.89 12.98 25.23
CA TYR D 75 1.73 11.88 26.17
C TYR D 75 3.12 11.34 26.45
N ALA D 76 3.84 10.93 25.40
CA ALA D 76 5.19 10.34 25.54
C ALA D 76 6.07 11.22 26.41
N ALA D 77 5.99 12.52 26.19
CA ALA D 77 6.76 13.48 26.97
C ALA D 77 6.49 13.32 28.46
N TYR D 78 5.21 13.18 28.80
CA TYR D 78 4.78 13.00 30.20
C TYR D 78 5.11 11.62 30.75
N GLN D 79 4.98 10.58 29.96
CA GLN D 79 5.37 9.26 30.42
C GLN D 79 6.88 9.01 30.33
N GLN D 80 7.60 9.80 29.54
CA GLN D 80 9.06 9.65 29.48
C GLN D 80 9.61 10.22 30.77
N LEU D 81 9.02 11.33 31.21
CA LEU D 81 9.18 11.74 32.57
C LEU D 81 8.42 10.72 33.45
N GLN D 82 8.41 10.94 34.76
CA GLN D 82 7.84 9.98 35.70
C GLN D 82 6.33 10.14 35.78
N ARG D 83 5.86 11.33 35.40
CA ARG D 83 4.58 11.92 35.78
C ARG D 83 3.39 10.99 35.94
N GLU D 84 2.68 11.18 37.05
CA GLU D 84 1.46 10.45 37.36
C GLU D 84 0.27 11.01 36.55
N THR D 85 0.13 12.33 36.55
CA THR D 85 -0.96 12.99 35.84
C THR D 85 -0.49 13.85 34.67
N ILE D 86 -1.42 14.08 33.74
CA ILE D 86 -1.19 15.02 32.68
C ILE D 86 -2.38 15.99 32.63
N PRO D 87 -2.09 17.30 32.45
CA PRO D 87 -3.15 18.26 32.23
C PRO D 87 -3.97 17.91 30.98
N ALA D 88 -5.28 17.78 31.15
CA ALA D 88 -6.15 17.48 30.01
C ALA D 88 -7.53 18.14 30.07
N LYS D 89 -8.08 18.45 28.90
CA LYS D 89 -9.47 18.87 28.76
C LYS D 89 -10.30 17.62 28.53
N LEU D 90 -11.43 17.54 29.20
CA LEU D 90 -12.30 16.37 29.06
C LEU D 90 -13.44 16.61 28.06
N VAL D 91 -13.72 15.64 27.20
CA VAL D 91 -14.73 15.80 26.18
C VAL D 91 -15.71 14.64 26.21
N GLN D 92 -16.95 14.91 26.59
CA GLN D 92 -18.02 13.91 26.50
C GLN D 92 -18.23 13.55 25.05
N SER D 93 -18.56 12.30 24.79
CA SER D 93 -18.69 11.80 23.43
C SER D 93 -19.59 10.59 23.38
N THR D 94 -20.12 10.35 22.19
CA THR D 94 -21.02 9.21 21.94
C THR D 94 -20.18 7.94 21.77
N LEU D 95 -20.72 6.93 21.10
CA LEU D 95 -19.94 5.80 20.63
C LEU D 95 -19.70 5.93 19.13
N SER D 96 -20.53 6.73 18.47
CA SER D 96 -20.34 7.04 17.06
C SER D 96 -19.11 7.91 16.92
N ASP D 97 -18.96 8.86 17.83
CA ASP D 97 -17.73 9.61 18.01
C ASP D 97 -16.57 8.63 18.03
N LEU D 98 -16.65 7.62 18.88
CA LEU D 98 -15.60 6.63 18.99
C LEU D 98 -15.41 5.88 17.67
N ARG D 99 -16.51 5.51 17.02
CA ARG D 99 -16.45 4.70 15.81
C ARG D 99 -15.57 5.35 14.72
N VAL D 100 -15.60 6.69 14.66
CA VAL D 100 -14.71 7.48 13.81
C VAL D 100 -13.22 7.15 14.02
N TYR D 101 -12.84 6.83 15.24
CA TYR D 101 -11.45 6.54 15.52
C TYR D 101 -11.11 5.05 15.33
N LEU D 102 -12.01 4.15 15.71
CA LEU D 102 -11.62 2.74 15.84
C LEU D 102 -12.19 1.81 14.77
N GLY D 103 -13.15 2.30 13.99
CA GLY D 103 -13.77 1.49 12.93
C GLY D 103 -14.18 0.11 13.41
N ALA D 104 -13.76 -0.93 12.69
CA ALA D 104 -14.13 -2.29 13.07
C ALA D 104 -13.44 -2.76 14.36
N SER D 105 -12.51 -1.94 14.87
CA SER D 105 -11.88 -2.19 16.16
C SER D 105 -12.56 -1.41 17.33
N THR D 106 -13.78 -0.92 17.10
CA THR D 106 -14.55 -0.29 18.19
C THR D 106 -15.14 -1.39 19.10
N PRO D 107 -14.95 -1.26 20.43
CA PRO D 107 -15.39 -2.28 21.39
C PRO D 107 -16.84 -2.12 21.82
N ASP D 108 -17.46 -3.21 22.26
CA ASP D 108 -18.86 -3.18 22.73
C ASP D 108 -18.80 -2.71 24.18
N LEU D 109 -18.26 -1.51 24.37
CA LEU D 109 -18.00 -0.98 25.71
C LEU D 109 -19.16 -1.19 26.68
N GLN D 110 -18.83 -1.47 27.93
CA GLN D 110 -19.86 -1.71 28.95
C GLN D 110 -19.76 -0.77 30.15
#